data_5WBA
#
_entry.id   5WBA
#
_cell.length_a   57.510
_cell.length_b   57.510
_cell.length_c   183.130
_cell.angle_alpha   90.00
_cell.angle_beta   90.00
_cell.angle_gamma   90.00
#
_symmetry.space_group_name_H-M   'I 41 2 2'
#
loop_
_entity.id
_entity.type
_entity.pdbx_description
1 polymer Streptavidin
2 non-polymer '[N-(2-{bis[2-(pyridin-2-yl-kappaN)ethyl]amino-kappaN}ethyl)-5-(2-oxohexahydro-1H-thieno[3,4-d]imidazol-4-yl)pentanamide](hydrogen peroxido-kappaO)copper'
3 non-polymer 'ACETATE ION'
4 non-polymer 'SULFATE ION'
5 non-polymer 'COPPER (II) ION'
6 water water
#
_entity_poly.entity_id   1
_entity_poly.type   'polypeptide(L)'
_entity_poly.pdbx_seq_one_letter_code
;MASMTGGQQMGRDEAGITGTWYNQLGSTFIVTAGADGALTGTYESAVGNAESRYVLTGRYDSAPATDGSGTALGWTVAWK
NNYRNAHSATTWSGQYVGGAEARINTQWLLTSGTTEANAWKSTLVGHDTFTKVKPSAASIDAAKKAGVNNGNPLDAVQQ
;
_entity_poly.pdbx_strand_id   A
#
loop_
_chem_comp.id
_chem_comp.type
_chem_comp.name
_chem_comp.formula
ACT non-polymer 'ACETATE ION' 'C2 H3 O2 -1'
CU non-polymer 'COPPER (II) ION' 'Cu 2'
SI8 non-polymer '[N-(2-{bis[2-(pyridin-2-yl-kappaN)ethyl]amino-kappaN}ethyl)-5-(2-oxohexahydro-1H-thieno[3,4-d]imidazol-4-yl)pentanamide](hydrogen peroxido-kappaO)copper' 'C26 H37 Cu N6 O4 S'
SO4 non-polymer 'SULFATE ION' 'O4 S -2'
#
# COMPACT_ATOMS: atom_id res chain seq x y z
N MET A 10 -11.79 14.59 -9.27
CA MET A 10 -13.20 14.48 -8.77
C MET A 10 -13.29 13.80 -7.40
N GLY A 11 -12.41 12.82 -7.16
CA GLY A 11 -12.32 12.17 -5.84
C GLY A 11 -11.80 13.15 -4.81
N ARG A 12 -12.39 13.14 -3.61
CA ARG A 12 -12.11 14.15 -2.57
C ARG A 12 -10.63 14.26 -2.22
N ASP A 13 -9.98 13.11 -2.00
CA ASP A 13 -8.55 13.07 -1.67
C ASP A 13 -7.70 12.53 -2.80
N GLU A 14 -8.20 12.66 -4.03
CA GLU A 14 -7.48 12.24 -5.21
C GLU A 14 -6.12 12.94 -5.28
N ALA A 15 -6.13 14.26 -5.11
CA ALA A 15 -4.91 15.06 -5.09
C ALA A 15 -4.01 14.73 -3.91
N GLY A 16 -4.62 14.55 -2.74
CA GLY A 16 -3.88 14.30 -1.51
C GLY A 16 -3.17 12.96 -1.50
N ILE A 17 -3.81 11.94 -2.05
CA ILE A 17 -3.24 10.58 -2.08
C ILE A 17 -2.19 10.42 -3.18
N THR A 18 -2.45 10.99 -4.35
CA THR A 18 -1.56 10.84 -5.50
C THR A 18 -0.17 11.38 -5.18
N GLY A 19 0.84 10.56 -5.47
CA GLY A 19 2.23 10.95 -5.30
C GLY A 19 3.06 9.87 -4.65
N THR A 20 4.19 10.31 -4.08
CA THR A 20 5.20 9.43 -3.53
C THR A 20 5.10 9.43 -2.01
N TRP A 21 5.14 8.24 -1.44
CA TRP A 21 5.03 8.03 -0.01
C TRP A 21 6.17 7.15 0.46
N TYR A 22 6.59 7.34 1.72
CA TYR A 22 7.69 6.59 2.31
C TYR A 22 7.26 6.04 3.65
N ASN A 23 7.62 4.79 3.96
CA ASN A 23 7.29 4.24 5.27
C ASN A 23 8.48 4.17 6.21
N GLN A 24 8.22 3.69 7.42
CA GLN A 24 9.23 3.60 8.48
C GLN A 24 10.40 2.65 8.20
N LEU A 25 10.23 1.75 7.24
CA LEU A 25 11.28 0.83 6.80
C LEU A 25 12.16 1.41 5.70
N GLY A 26 11.78 2.56 5.15
CA GLY A 26 12.45 3.15 4.00
C GLY A 26 11.91 2.70 2.66
N SER A 27 10.77 2.01 2.64
CA SER A 27 10.12 1.62 1.39
C SER A 27 9.44 2.82 0.73
N THR A 28 9.28 2.73 -0.59
CA THR A 28 8.73 3.81 -1.40
C THR A 28 7.51 3.29 -2.13
N PHE A 29 6.41 4.03 -2.01
CA PHE A 29 5.10 3.77 -2.62
CA PHE A 29 5.36 3.75 -2.95
C PHE A 29 4.81 4.97 -3.57
N ILE A 30 4.54 4.73 -4.84
CA ILE A 30 4.24 5.75 -5.79
C ILE A 30 2.86 5.37 -6.30
N VAL A 31 1.88 6.26 -6.12
CA VAL A 31 0.51 5.92 -6.43
C VAL A 31 -0.20 7.06 -7.17
N THR A 32 -1.10 6.68 -8.07
CA THR A 32 -2.03 7.61 -8.69
C THR A 32 -3.42 7.20 -8.25
N ALA A 33 -4.17 8.15 -7.69
CA ALA A 33 -5.55 7.94 -7.31
C ALA A 33 -6.42 8.44 -8.45
N GLY A 34 -7.33 7.59 -8.92
CA GLY A 34 -8.31 7.94 -9.95
C GLY A 34 -9.57 8.55 -9.36
N ALA A 35 -10.31 9.30 -10.18
CA ALA A 35 -11.55 9.96 -9.74
C ALA A 35 -12.61 9.01 -9.18
N ASP A 36 -12.60 7.80 -9.74
CA ASP A 36 -13.56 6.73 -9.47
C ASP A 36 -13.28 5.90 -8.20
N GLY A 37 -12.07 6.01 -7.65
CA GLY A 37 -11.65 5.15 -6.55
C GLY A 37 -10.48 4.24 -6.83
N ALA A 38 -9.91 4.29 -8.05
CA ALA A 38 -8.78 3.41 -8.39
C ALA A 38 -7.47 3.89 -7.77
N LEU A 39 -6.63 2.94 -7.37
CA LEU A 39 -5.23 3.20 -7.03
C LEU A 39 -4.37 2.36 -7.94
N THR A 40 -3.38 2.98 -8.55
CA THR A 40 -2.42 2.31 -9.42
CA THR A 40 -2.42 2.30 -9.42
C THR A 40 -1.05 2.89 -9.16
N GLY A 41 -0.03 2.04 -9.21
CA GLY A 41 1.32 2.54 -9.03
C GLY A 41 2.36 1.46 -8.89
N THR A 42 3.43 1.80 -8.18
CA THR A 42 4.53 0.89 -7.93
C THR A 42 4.97 0.96 -6.48
N TYR A 43 5.51 -0.15 -6.00
CA TYR A 43 6.01 -0.28 -4.64
C TYR A 43 7.42 -0.81 -4.71
N GLU A 44 8.29 -0.21 -3.90
CA GLU A 44 9.66 -0.68 -3.75
C GLU A 44 9.91 -0.89 -2.28
N SER A 45 10.16 -2.14 -1.89
CA SER A 45 10.42 -2.48 -0.50
C SER A 45 11.88 -2.36 -0.16
N ALA A 46 12.17 -1.72 0.97
CA ALA A 46 13.53 -1.64 1.50
C ALA A 46 13.97 -2.92 2.20
N VAL A 47 13.03 -3.85 2.44
CA VAL A 47 13.32 -5.10 3.14
C VAL A 47 12.72 -6.31 2.45
N GLY A 48 13.21 -7.48 2.83
CA GLY A 48 12.64 -8.75 2.37
C GLY A 48 13.16 -9.19 1.04
N ASN A 49 12.49 -10.18 0.47
CA ASN A 49 12.89 -10.80 -0.79
C ASN A 49 12.29 -9.99 -1.93
N ALA A 50 12.91 -8.84 -2.18
CA ALA A 50 12.38 -7.85 -3.09
C ALA A 50 13.51 -7.00 -3.66
N GLU A 51 13.40 -6.68 -4.94
CA GLU A 51 14.29 -5.70 -5.54
C GLU A 51 13.55 -4.90 -6.61
N SER A 52 13.84 -3.61 -6.65
CA SER A 52 13.26 -2.69 -7.61
C SER A 52 11.75 -2.56 -7.41
N ARG A 53 11.03 -2.16 -8.46
CA ARG A 53 9.63 -1.81 -8.35
C ARG A 53 8.70 -2.97 -8.68
N TYR A 54 7.58 -3.02 -7.97
CA TYR A 54 6.52 -3.99 -8.19
C TYR A 54 5.23 -3.25 -8.45
N VAL A 55 4.39 -3.84 -9.30
CA VAL A 55 3.08 -3.28 -9.62
C VAL A 55 2.20 -3.33 -8.37
N LEU A 56 1.46 -2.26 -8.14
CA LEU A 56 0.39 -2.30 -7.16
C LEU A 56 -0.89 -1.80 -7.76
N THR A 57 -1.99 -2.31 -7.20
CA THR A 57 -3.31 -1.82 -7.52
C THR A 57 -4.13 -1.84 -6.26
N GLY A 58 -5.10 -0.94 -6.18
CA GLY A 58 -5.97 -0.91 -5.03
C GLY A 58 -7.17 -0.01 -5.24
N ARG A 59 -7.81 0.32 -4.14
CA ARG A 59 -9.03 1.13 -4.14
C ARG A 59 -9.03 2.06 -2.95
N TYR A 60 -9.71 3.20 -3.10
CA TYR A 60 -9.92 4.12 -2.00
C TYR A 60 -11.34 4.65 -2.07
N ASP A 61 -11.83 5.13 -0.93
CA ASP A 61 -13.11 5.81 -0.84
C ASP A 61 -12.98 7.21 -1.43
N SER A 62 -13.59 7.41 -2.60
CA SER A 62 -13.49 8.68 -3.34
C SER A 62 -14.47 9.76 -2.85
N ALA A 63 -15.32 9.43 -1.88
CA ALA A 63 -16.25 10.37 -1.28
C ALA A 63 -16.35 10.10 0.24
N PRO A 64 -15.27 10.38 0.98
CA PRO A 64 -15.23 10.09 2.42
C PRO A 64 -16.11 11.00 3.25
N ALA A 65 -16.26 10.65 4.52
CA ALA A 65 -16.98 11.48 5.49
C ALA A 65 -16.24 12.80 5.68
N THR A 66 -17.00 13.86 5.98
CA THR A 66 -16.44 15.21 6.15
C THR A 66 -16.57 15.66 7.61
N ASP A 67 -16.25 14.77 8.53
CA ASP A 67 -16.37 15.00 9.97
C ASP A 67 -15.03 14.82 10.69
N GLY A 68 -13.92 15.14 10.00
CA GLY A 68 -12.57 14.89 10.49
C GLY A 68 -12.09 13.45 10.35
N SER A 69 -12.87 12.61 9.67
CA SER A 69 -12.51 11.20 9.51
C SER A 69 -11.49 11.03 8.39
N GLY A 70 -10.67 9.99 8.51
CA GLY A 70 -9.76 9.60 7.45
C GLY A 70 -10.49 8.96 6.28
N THR A 71 -9.70 8.64 5.26
CA THR A 71 -10.21 8.10 4.00
C THR A 71 -9.73 6.66 3.87
N ALA A 72 -10.66 5.71 3.87
CA ALA A 72 -10.30 4.30 3.79
C ALA A 72 -9.71 3.94 2.43
N LEU A 73 -8.71 3.08 2.45
CA LEU A 73 -8.09 2.62 1.22
C LEU A 73 -7.36 1.31 1.46
N GLY A 74 -7.02 0.64 0.36
CA GLY A 74 -6.19 -0.54 0.42
C GLY A 74 -5.54 -0.80 -0.90
N TRP A 75 -4.46 -1.58 -0.87
CA TRP A 75 -3.81 -2.00 -2.09
C TRP A 75 -3.06 -3.30 -1.92
N THR A 76 -2.71 -3.89 -3.06
CA THR A 76 -2.01 -5.17 -3.12
C THR A 76 -0.76 -5.06 -3.96
N VAL A 77 0.29 -5.73 -3.50
CA VAL A 77 1.48 -6.03 -4.30
C VAL A 77 1.68 -7.54 -4.30
N ALA A 78 1.76 -8.14 -5.48
CA ALA A 78 2.29 -9.50 -5.63
C ALA A 78 3.79 -9.36 -5.89
N TRP A 79 4.60 -10.10 -5.13
CA TRP A 79 6.05 -9.89 -5.13
C TRP A 79 6.76 -10.64 -6.27
N LYS A 80 6.25 -10.45 -7.48
CA LYS A 80 6.87 -10.94 -8.71
C LYS A 80 7.09 -9.75 -9.62
N ASN A 81 8.31 -9.61 -10.10
CA ASN A 81 8.63 -8.64 -11.14
C ASN A 81 9.68 -9.30 -12.06
N ASN A 82 10.34 -8.51 -12.91
CA ASN A 82 11.31 -9.10 -13.85
C ASN A 82 12.60 -9.59 -13.18
N TYR A 83 12.82 -9.19 -11.93
CA TYR A 83 14.04 -9.52 -11.18
C TYR A 83 13.89 -10.70 -10.22
N ARG A 84 12.74 -10.80 -9.56
CA ARG A 84 12.56 -11.76 -8.48
C ARG A 84 11.12 -12.20 -8.38
N ASN A 85 10.92 -13.37 -7.79
CA ASN A 85 9.59 -13.83 -7.41
C ASN A 85 9.65 -14.46 -6.02
N ALA A 86 9.06 -13.76 -5.05
CA ALA A 86 9.02 -14.19 -3.67
C ALA A 86 7.76 -14.99 -3.33
N HIS A 87 6.97 -15.37 -4.35
CA HIS A 87 5.78 -16.22 -4.19
C HIS A 87 4.95 -15.80 -3.01
N SER A 88 4.58 -14.53 -3.03
CA SER A 88 3.88 -13.92 -1.91
C SER A 88 3.19 -12.66 -2.36
N ALA A 89 2.25 -12.22 -1.56
CA ALA A 89 1.52 -11.00 -1.82
C ALA A 89 1.24 -10.30 -0.51
N THR A 90 1.40 -8.98 -0.51
CA THR A 90 1.02 -8.16 0.64
C THR A 90 -0.18 -7.32 0.30
N THR A 91 -1.13 -7.25 1.22
CA THR A 91 -2.20 -6.27 1.14
C THR A 91 -2.10 -5.32 2.32
N TRP A 92 -2.19 -4.02 2.02
CA TRP A 92 -2.24 -2.97 3.02
C TRP A 92 -3.65 -2.45 3.08
N SER A 93 -4.19 -2.35 4.30
CA SER A 93 -5.52 -1.81 4.55
C SER A 93 -5.35 -0.68 5.54
N GLY A 94 -5.93 0.48 5.26
CA GLY A 94 -5.69 1.61 6.12
C GLY A 94 -6.51 2.82 5.84
N GLN A 95 -6.03 3.96 6.31
CA GLN A 95 -6.68 5.21 6.00
C GLN A 95 -5.68 6.31 5.78
N TYR A 96 -6.04 7.19 4.85
CA TYR A 96 -5.31 8.40 4.56
C TYR A 96 -5.85 9.52 5.46
N VAL A 97 -4.93 10.23 6.10
CA VAL A 97 -5.24 11.36 6.97
C VAL A 97 -4.52 12.56 6.35
N GLY A 98 -5.29 13.57 5.96
CA GLY A 98 -4.72 14.75 5.27
C GLY A 98 -4.12 15.76 6.23
N GLY A 99 -3.62 16.86 5.67
CA GLY A 99 -3.11 17.99 6.46
C GLY A 99 -1.62 18.15 6.39
N ALA A 100 -1.09 19.09 7.18
CA ALA A 100 0.32 19.49 7.14
C ALA A 100 1.29 18.31 7.26
N GLU A 101 0.95 17.37 8.13
CA GLU A 101 1.68 16.12 8.27
C GLU A 101 0.77 14.97 7.84
N ALA A 102 0.49 14.93 6.54
CA ALA A 102 -0.34 13.88 5.93
C ALA A 102 0.25 12.50 6.14
N ARG A 103 -0.61 11.51 6.36
CA ARG A 103 -0.20 10.16 6.73
C ARG A 103 -1.09 9.17 6.01
N ILE A 104 -0.54 8.01 5.65
CA ILE A 104 -1.36 6.83 5.38
C ILE A 104 -0.98 5.80 6.44
N ASN A 105 -1.94 5.48 7.31
CA ASN A 105 -1.72 4.55 8.42
C ASN A 105 -2.33 3.23 8.02
N THR A 106 -1.51 2.18 8.02
CA THR A 106 -1.94 0.88 7.52
C THR A 106 -1.60 -0.28 8.44
N GLN A 107 -2.37 -1.35 8.26
CA GLN A 107 -1.97 -2.67 8.71
C GLN A 107 -1.91 -3.53 7.47
N TRP A 108 -1.07 -4.54 7.48
CA TRP A 108 -0.88 -5.37 6.29
C TRP A 108 -0.84 -6.85 6.60
N LEU A 109 -1.16 -7.63 5.56
CA LEU A 109 -1.10 -9.08 5.60
C LEU A 109 -0.26 -9.54 4.42
N LEU A 110 0.78 -10.31 4.71
CA LEU A 110 1.71 -10.81 3.70
C LEU A 110 1.59 -12.33 3.68
N THR A 111 0.92 -12.84 2.65
CA THR A 111 0.72 -14.28 2.50
C THR A 111 1.70 -14.85 1.49
N SER A 112 2.35 -15.94 1.88
CA SER A 112 3.22 -16.70 0.98
C SER A 112 2.49 -17.92 0.47
N GLY A 113 2.79 -18.33 -0.76
CA GLY A 113 2.37 -19.63 -1.26
C GLY A 113 3.03 -20.72 -0.45
N THR A 114 2.24 -21.67 0.05
CA THR A 114 2.74 -22.77 0.87
C THR A 114 2.03 -24.06 0.48
N THR A 115 2.59 -25.18 0.94
CA THR A 115 1.85 -26.43 0.92
C THR A 115 0.71 -26.34 1.93
N GLU A 116 -0.26 -27.25 1.83
CA GLU A 116 -1.38 -27.26 2.77
C GLU A 116 -0.89 -27.52 4.20
N ALA A 117 0.11 -28.39 4.34
CA ALA A 117 0.73 -28.68 5.64
C ALA A 117 1.34 -27.44 6.32
N ASN A 118 1.87 -26.52 5.52
CA ASN A 118 2.51 -25.30 6.05
C ASN A 118 1.63 -24.04 6.00
N ALA A 119 0.35 -24.18 5.65
CA ALA A 119 -0.52 -23.01 5.51
C ALA A 119 -0.71 -22.25 6.82
N TRP A 120 -0.62 -22.95 7.95
CA TRP A 120 -0.71 -22.28 9.25
C TRP A 120 0.34 -21.19 9.47
N LYS A 121 1.49 -21.31 8.80
CA LYS A 121 2.58 -20.32 8.91
C LYS A 121 2.76 -19.51 7.61
N SER A 122 1.67 -19.36 6.86
CA SER A 122 1.73 -18.68 5.55
C SER A 122 1.66 -17.15 5.62
N THR A 123 1.15 -16.59 6.71
CA THR A 123 0.74 -15.18 6.70
C THR A 123 1.38 -14.37 7.81
N LEU A 124 2.15 -13.36 7.41
CA LEU A 124 2.71 -12.37 8.32
C LEU A 124 1.76 -11.17 8.42
N VAL A 125 1.77 -10.52 9.58
CA VAL A 125 0.97 -9.33 9.83
C VAL A 125 1.87 -8.24 10.39
N GLY A 126 1.61 -7.01 9.97
CA GLY A 126 2.35 -5.87 10.51
C GLY A 126 1.64 -4.57 10.22
N HIS A 127 2.34 -3.48 10.46
CA HIS A 127 1.77 -2.15 10.30
C HIS A 127 2.82 -1.20 9.75
N ASP A 128 2.43 -0.43 8.75
CA ASP A 128 3.29 0.57 8.12
C ASP A 128 2.61 1.93 8.18
N THR A 129 3.39 2.95 8.49
CA THR A 129 2.93 4.32 8.42
C THR A 129 3.71 5.00 7.31
N PHE A 130 2.97 5.61 6.38
CA PHE A 130 3.53 6.30 5.23
C PHE A 130 3.40 7.80 5.39
N THR A 131 4.47 8.51 5.05
CA THR A 131 4.50 9.97 5.06
C THR A 131 5.02 10.49 3.74
N LYS A 132 4.81 11.77 3.50
CA LYS A 132 5.25 12.41 2.26
C LYS A 132 6.74 12.77 2.27
N VAL A 133 7.36 12.81 3.44
CA VAL A 133 8.81 13.09 3.57
C VAL A 133 9.56 11.88 4.16
N LYS A 134 10.88 11.92 4.01
CA LYS A 134 11.79 10.91 4.59
C LYS A 134 11.57 9.52 3.97
CU1 SI8 B . 10.51 -16.00 2.84
N6 SI8 B . 12.22 -15.03 2.59
C23 SI8 B . 13.35 -15.72 2.05
C24 SI8 B . 14.55 -15.04 1.87
C25 SI8 B . 14.65 -13.68 2.23
C26 SI8 B . 13.55 -13.00 2.76
C22 SI8 B . 12.34 -13.66 2.95
C21 SI8 B . 11.14 -12.91 3.50
C20 SI8 B . 10.17 -13.89 4.16
N4 SI8 B . 9.25 -14.47 3.18
N5 SI8 B . 9.12 -17.40 3.11
C16 SI8 B . 9.25 -18.68 2.48
C17 SI8 B . 8.27 -19.65 2.67
C18 SI8 B . 7.16 -19.40 3.49
C19 SI8 B . 7.02 -18.15 4.12
C15 SI8 B . 7.99 -17.16 3.94
C14 SI8 B . 7.83 -15.83 4.59
C13 SI8 B . 7.95 -14.57 3.77
C12 SI8 B . 9.18 -13.66 1.96
C11 SI8 B . 8.07 -12.60 2.05
N3 SI8 B . 7.95 -11.90 0.79
C10 SI8 B . 8.81 -10.84 0.74
O2 SI8 B . 9.94 -10.81 1.53
C9 SI8 B . 8.57 -9.75 -0.29
C8 SI8 B . 8.84 -8.37 0.34
C7 SI8 B . 7.84 -8.10 1.47
C6 SI8 B . 8.08 -6.71 2.06
C5 SI8 B . 7.13 -6.47 3.24
C4 SI8 B . 7.60 -5.27 4.04
N2 SI8 B . 8.10 -4.09 3.34
S1 SI8 B . 5.51 -5.93 2.65
C3 SI8 B . 5.13 -5.56 4.36
C2 SI8 B . 6.30 -4.66 4.75
N1 SI8 B . 6.29 -3.28 4.36
C1 SI8 B . 7.34 -3.03 3.59
O1 SI8 B . 7.54 -1.83 2.98
O3 SI8 B . 10.51 -16.33 0.94
O4 SI8 B . 10.66 -15.65 -0.44
C ACT C . 15.34 -9.62 4.51
O ACT C . 15.48 -8.40 4.74
OXT ACT C . 14.44 -10.30 5.06
CH3 ACT C . 16.28 -10.28 3.55
S SO4 D . 18.72 -8.96 -0.77
O1 SO4 D . 19.33 -10.30 -0.67
O2 SO4 D . 19.27 -8.25 -1.95
O3 SO4 D . 17.25 -9.10 -0.92
O4 SO4 D . 19.02 -8.19 0.45
CU CU E . 10.44 -19.95 -7.34
#